data_5O98
#
_entry.id   5O98
#
_cell.length_a   58.830
_cell.length_b   61.020
_cell.length_c   162.030
_cell.angle_alpha   90.000
_cell.angle_beta   90.000
_cell.angle_gamma   90.000
#
_symmetry.space_group_name_H-M   'P 21 21 21'
#
loop_
_entity.id
_entity.type
_entity.pdbx_description
1 polymer 'Alcohol dehydrogenase 1'
2 non-polymer 'NADP NICOTINAMIDE-ADENINE-DINUCLEOTIDE PHOSPHATE'
3 water water
#
_entity_poly.entity_id   1
_entity_poly.type   'polypeptide(L)'
_entity_poly.pdbx_seq_one_letter_code
;MAHHHHHHSSGLEVLFQGPAAMGTSEKYAVVTGSNKGIGFETCKKLASQGITVVLTARDEKRGLDALEKLKELGLSGKVL
FHQLDVTDSSSVASLAEFVKKQFGRLDILVNNAGVNGVITDVEAVKKLNPAEDPADVDFSKIYKETYELAEECIQINYFG
TKRTTDALLPLLQLSASPRIVNISSIMGQLKNIPSEWAKGILGDASNLTEDRLDEVINNFLKDFKEGSLAAKGWPPSFSA
YIVSKVVVNAYTRILAKKYPNFKINCVCPGFAKTDLNHGLGLLTAEEAAENPVKLALLPDDGPSGLFFDRSEESSFE
;
_entity_poly.pdbx_strand_id   A,B
#
# COMPACT_ATOMS: atom_id res chain seq x y z
N SER A 25 35.63 11.61 -14.06
CA SER A 25 35.57 10.13 -13.89
C SER A 25 34.88 9.73 -12.58
N GLU A 26 35.41 10.16 -11.44
CA GLU A 26 34.78 9.82 -10.16
C GLU A 26 33.47 10.65 -9.99
N LYS A 27 32.49 10.05 -9.36
CA LYS A 27 31.17 10.62 -9.15
C LYS A 27 30.91 10.73 -7.65
N TYR A 28 30.15 11.73 -7.25
CA TYR A 28 29.95 12.13 -5.87
C TYR A 28 28.47 12.13 -5.48
N ALA A 29 28.15 11.53 -4.34
CA ALA A 29 26.78 11.46 -3.81
C ALA A 29 26.71 11.89 -2.36
N VAL A 30 25.57 12.48 -1.99
CA VAL A 30 25.17 12.69 -0.61
C VAL A 30 23.85 11.97 -0.37
N VAL A 31 23.75 11.23 0.73
CA VAL A 31 22.48 10.61 1.13
C VAL A 31 22.14 11.14 2.50
N THR A 32 20.99 11.80 2.63
CA THR A 32 20.58 12.32 3.92
C THR A 32 19.99 11.18 4.78
N GLY A 33 20.13 11.31 6.10
CA GLY A 33 19.62 10.28 7.01
C GLY A 33 20.10 8.88 6.71
N SER A 34 21.43 8.68 6.72
CA SER A 34 21.98 7.41 6.25
C SER A 34 22.80 6.60 7.27
N ASN A 35 22.64 6.91 8.54
CA ASN A 35 23.24 6.07 9.59
C ASN A 35 22.55 4.71 9.72
N LYS A 36 21.31 4.58 9.24
CA LYS A 36 20.56 3.33 9.35
C LYS A 36 19.50 3.26 8.26
N GLY A 37 18.85 2.11 8.20
CA GLY A 37 17.68 1.93 7.36
C GLY A 37 17.98 1.97 5.90
N ILE A 38 17.02 2.45 5.13
CA ILE A 38 17.14 2.52 3.69
C ILE A 38 18.29 3.42 3.26
N GLY A 39 18.51 4.52 3.98
CA GLY A 39 19.59 5.45 3.65
C GLY A 39 20.94 4.78 3.75
N PHE A 40 21.14 4.01 4.81
CA PHE A 40 22.39 3.28 4.97
C PHE A 40 22.62 2.32 3.83
N GLU A 41 21.60 1.55 3.47
CA GLU A 41 21.71 0.57 2.43
C GLU A 41 21.94 1.22 1.04
N THR A 42 21.40 2.44 0.87
CA THR A 42 21.56 3.20 -0.36
C THR A 42 23.04 3.63 -0.48
N CYS A 43 23.63 4.08 0.61
CA CYS A 43 25.06 4.40 0.62
C CYS A 43 25.88 3.18 0.21
N LYS A 44 25.55 2.04 0.80
CA LYS A 44 26.29 0.81 0.49
C LYS A 44 26.23 0.47 -0.98
N LYS A 45 25.05 0.52 -1.58
CA LYS A 45 24.90 0.17 -2.98
C LYS A 45 25.61 1.15 -3.90
N LEU A 46 25.51 2.45 -3.62
CA LEU A 46 26.19 3.45 -4.42
C LEU A 46 27.71 3.27 -4.34
N ALA A 47 28.24 3.11 -3.13
CA ALA A 47 29.68 2.89 -2.98
C ALA A 47 30.15 1.59 -3.65
N SER A 48 29.29 0.56 -3.63
CA SER A 48 29.63 -0.69 -4.31
C SER A 48 29.81 -0.51 -5.82
N GLN A 49 29.10 0.48 -6.39
CA GLN A 49 29.25 0.83 -7.79
C GLN A 49 30.38 1.78 -8.09
N GLY A 50 31.15 2.18 -7.08
CA GLY A 50 32.32 3.01 -7.29
C GLY A 50 32.07 4.49 -7.08
N ILE A 51 30.88 4.84 -6.63
CA ILE A 51 30.51 6.24 -6.37
C ILE A 51 31.15 6.67 -5.04
N THR A 52 31.72 7.85 -4.98
CA THR A 52 32.18 8.42 -3.71
C THR A 52 30.96 8.95 -2.97
N VAL A 53 30.70 8.43 -1.76
CA VAL A 53 29.48 8.69 -1.02
C VAL A 53 29.76 9.38 0.29
N VAL A 54 29.06 10.49 0.54
CA VAL A 54 29.01 11.11 1.84
C VAL A 54 27.78 10.58 2.58
N LEU A 55 28.03 9.68 3.52
CA LEU A 55 27.02 9.25 4.47
C LEU A 55 26.83 10.40 5.45
N THR A 56 25.60 10.69 5.80
CA THR A 56 25.30 11.76 6.71
C THR A 56 24.36 11.31 7.79
N ALA A 57 24.40 12.02 8.91
CA ALA A 57 23.58 11.67 10.04
C ALA A 57 23.46 12.90 10.94
N ARG A 58 22.32 13.03 11.58
CA ARG A 58 22.17 14.15 12.52
C ARG A 58 22.99 13.95 13.81
N ASP A 59 23.18 12.68 14.21
CA ASP A 59 24.02 12.30 15.33
C ASP A 59 25.41 11.85 14.87
N GLU A 60 26.46 12.50 15.35
CA GLU A 60 27.80 12.15 14.92
C GLU A 60 28.19 10.70 15.23
N LYS A 61 27.93 10.25 16.45
CA LYS A 61 28.31 8.90 16.81
C LYS A 61 27.60 7.85 15.96
N ARG A 62 26.30 8.00 15.76
CA ARG A 62 25.58 7.07 14.90
C ARG A 62 26.16 7.07 13.50
N GLY A 63 26.50 8.24 12.98
CA GLY A 63 27.07 8.35 11.63
C GLY A 63 28.45 7.73 11.52
N LEU A 64 29.31 7.99 12.50
CA LEU A 64 30.66 7.40 12.50
C LEU A 64 30.63 5.87 12.63
N ASP A 65 29.71 5.35 13.44
CA ASP A 65 29.53 3.90 13.57
C ASP A 65 29.11 3.28 12.26
N ALA A 66 28.17 3.97 11.56
CA ALA A 66 27.71 3.50 10.28
C ALA A 66 28.84 3.53 9.24
N LEU A 67 29.63 4.60 9.25
CA LEU A 67 30.81 4.69 8.39
C LEU A 67 31.77 3.52 8.57
N GLU A 68 32.05 3.17 9.82
N GLU A 68 32.05 3.17 9.82
CA GLU A 68 32.92 2.03 10.13
CA GLU A 68 32.93 2.04 10.14
C GLU A 68 32.39 0.74 9.53
C GLU A 68 32.40 0.74 9.53
N LYS A 69 31.09 0.50 9.61
CA LYS A 69 30.48 -0.69 8.99
C LYS A 69 30.68 -0.72 7.46
N LEU A 70 30.52 0.43 6.84
CA LEU A 70 30.73 0.52 5.39
C LEU A 70 32.19 0.32 5.04
N LYS A 71 33.10 0.87 5.85
CA LYS A 71 34.52 0.67 5.58
C LYS A 71 34.91 -0.81 5.60
N GLU A 72 34.27 -1.59 6.46
CA GLU A 72 34.58 -3.01 6.57
C GLU A 72 34.24 -3.84 5.32
N LEU A 73 33.39 -3.31 4.46
CA LEU A 73 32.89 -4.02 3.26
C LEU A 73 33.78 -3.91 2.04
N GLY A 74 34.85 -3.11 2.11
CA GLY A 74 35.86 -3.08 1.07
C GLY A 74 35.33 -2.71 -0.31
N LEU A 75 34.43 -1.74 -0.33
CA LEU A 75 33.74 -1.33 -1.57
C LEU A 75 34.66 -0.47 -2.41
N SER A 76 34.38 -0.42 -3.72
CA SER A 76 35.26 0.32 -4.63
C SER A 76 35.15 1.83 -4.43
N GLY A 77 33.95 2.32 -4.09
CA GLY A 77 33.76 3.73 -3.88
C GLY A 77 34.16 4.19 -2.49
N LYS A 78 34.83 5.34 -2.42
CA LYS A 78 35.19 5.95 -1.15
C LYS A 78 33.95 6.36 -0.38
N VAL A 79 33.99 6.15 0.93
CA VAL A 79 32.92 6.59 1.80
C VAL A 79 33.47 7.59 2.81
N LEU A 80 32.74 8.68 2.99
CA LEU A 80 33.07 9.75 3.92
C LEU A 80 31.86 9.96 4.81
N PHE A 81 32.08 10.57 5.98
CA PHE A 81 30.99 10.99 6.84
C PHE A 81 30.98 12.51 7.01
N HIS A 82 29.78 13.09 7.02
CA HIS A 82 29.59 14.45 7.51
C HIS A 82 28.26 14.55 8.23
N GLN A 83 28.28 15.27 9.34
CA GLN A 83 27.05 15.50 10.09
C GLN A 83 26.04 16.30 9.26
N LEU A 84 24.76 15.99 9.43
CA LEU A 84 23.70 16.73 8.77
C LEU A 84 22.37 16.53 9.49
N ASP A 85 21.83 17.62 9.99
CA ASP A 85 20.44 17.70 10.43
C ASP A 85 19.71 18.59 9.44
N VAL A 86 18.76 18.01 8.70
CA VAL A 86 18.08 18.73 7.61
C VAL A 86 17.22 19.89 8.07
N THR A 87 16.91 19.94 9.38
CA THR A 87 16.13 21.03 9.93
C THR A 87 16.97 22.25 10.39
N ASP A 88 18.30 22.15 10.29
CA ASP A 88 19.24 23.11 10.91
C ASP A 88 20.03 23.80 9.79
N SER A 89 19.78 25.09 9.59
N SER A 89 19.77 25.08 9.59
CA SER A 89 20.44 25.85 8.52
CA SER A 89 20.43 25.88 8.54
C SER A 89 21.96 25.85 8.60
C SER A 89 21.96 25.85 8.61
N SER A 90 22.51 25.98 9.82
CA SER A 90 23.96 25.92 10.02
C SER A 90 24.53 24.58 9.61
N SER A 91 23.86 23.51 10.02
CA SER A 91 24.26 22.14 9.65
C SER A 91 24.26 21.94 8.13
N VAL A 92 23.17 22.36 7.49
CA VAL A 92 23.05 22.26 6.03
C VAL A 92 24.17 23.06 5.34
N ALA A 93 24.38 24.29 5.80
CA ALA A 93 25.44 25.15 5.21
C ALA A 93 26.81 24.50 5.34
N SER A 94 27.09 23.90 6.49
CA SER A 94 28.39 23.27 6.73
C SER A 94 28.60 22.09 5.78
N LEU A 95 27.54 21.31 5.55
CA LEU A 95 27.61 20.19 4.62
C LEU A 95 27.89 20.70 3.20
N ALA A 96 27.18 21.73 2.79
CA ALA A 96 27.37 22.29 1.46
C ALA A 96 28.80 22.78 1.25
N GLU A 97 29.33 23.50 2.26
CA GLU A 97 30.69 23.99 2.18
C GLU A 97 31.70 22.83 2.11
N PHE A 98 31.45 21.76 2.87
CA PHE A 98 32.31 20.56 2.84
C PHE A 98 32.33 19.91 1.45
N VAL A 99 31.15 19.73 0.87
CA VAL A 99 31.05 19.20 -0.49
C VAL A 99 31.79 20.08 -1.49
N LYS A 100 31.63 21.40 -1.34
CA LYS A 100 32.29 22.35 -2.26
C LYS A 100 33.80 22.23 -2.17
N LYS A 101 34.29 22.20 -0.93
CA LYS A 101 35.72 22.09 -0.69
C LYS A 101 36.33 20.76 -1.09
N GLN A 102 35.65 19.66 -0.76
CA GLN A 102 36.16 18.32 -1.02
C GLN A 102 36.07 17.91 -2.48
N PHE A 103 34.94 18.20 -3.12
CA PHE A 103 34.63 17.70 -4.47
C PHE A 103 34.52 18.77 -5.56
N GLY A 104 34.10 19.99 -5.20
CA GLY A 104 33.83 21.04 -6.18
C GLY A 104 32.51 20.95 -6.95
N ARG A 105 31.76 19.87 -6.71
N ARG A 105 31.76 19.87 -6.71
CA ARG A 105 30.48 19.64 -7.35
CA ARG A 105 30.48 19.63 -7.36
C ARG A 105 29.83 18.47 -6.63
C ARG A 105 29.83 18.47 -6.63
N LEU A 106 28.60 18.16 -7.02
CA LEU A 106 27.89 16.96 -6.54
C LEU A 106 27.16 16.37 -7.71
N ASP A 107 27.10 15.05 -7.80
CA ASP A 107 26.43 14.36 -8.89
C ASP A 107 25.07 13.82 -8.50
N ILE A 108 24.97 13.33 -7.26
CA ILE A 108 23.75 12.67 -6.79
C ILE A 108 23.40 13.20 -5.40
N LEU A 109 22.13 13.55 -5.22
CA LEU A 109 21.57 13.81 -3.89
C LEU A 109 20.39 12.88 -3.69
N VAL A 110 20.41 12.11 -2.60
CA VAL A 110 19.26 11.31 -2.19
C VAL A 110 18.68 11.92 -0.91
N ASN A 111 17.47 12.48 -1.02
CA ASN A 111 16.74 13.05 0.11
C ASN A 111 15.94 11.93 0.79
N ASN A 112 16.62 11.27 1.72
CA ASN A 112 16.11 10.08 2.39
C ASN A 112 15.64 10.33 3.80
N ALA A 113 16.26 11.27 4.51
CA ALA A 113 15.87 11.59 5.88
C ALA A 113 14.36 11.74 5.98
N GLY A 114 13.77 11.04 6.95
CA GLY A 114 12.35 11.17 7.16
C GLY A 114 11.91 10.50 8.45
N VAL A 115 10.76 10.94 8.94
CA VAL A 115 10.13 10.42 10.15
C VAL A 115 8.65 10.23 9.89
N ASN A 116 7.99 9.45 10.75
CA ASN A 116 6.57 9.16 10.51
C ASN A 116 5.58 10.06 11.25
N GLY A 117 6.06 10.94 12.12
CA GLY A 117 5.20 11.84 12.88
C GLY A 117 4.31 11.21 13.93
N VAL A 118 4.62 9.98 14.35
CA VAL A 118 3.85 9.34 15.40
C VAL A 118 4.79 8.86 16.48
N ILE A 119 4.21 8.57 17.63
CA ILE A 119 4.96 7.96 18.71
C ILE A 119 4.17 6.77 19.22
N THR A 120 4.88 5.74 19.63
CA THR A 120 4.26 4.53 20.18
C THR A 120 3.87 4.78 21.63
N ASP A 121 2.65 4.35 21.98
CA ASP A 121 2.09 4.53 23.32
C ASP A 121 1.64 3.15 23.84
N ASP A 133 -7.63 -13.46 24.45
CA ASP A 133 -7.85 -13.90 23.08
C ASP A 133 -7.02 -13.01 22.14
N PRO A 134 -6.21 -13.62 21.25
CA PRO A 134 -5.42 -12.84 20.28
C PRO A 134 -6.26 -12.06 19.25
N ALA A 135 -7.43 -12.59 18.89
CA ALA A 135 -8.41 -11.89 18.05
C ALA A 135 -8.94 -10.59 18.68
N ASP A 136 -9.09 -10.60 20.01
CA ASP A 136 -9.55 -9.42 20.75
C ASP A 136 -8.55 -8.25 20.76
N VAL A 137 -7.29 -8.50 20.45
CA VAL A 137 -6.21 -7.51 20.58
C VAL A 137 -6.48 -6.29 19.69
N ASP A 138 -6.64 -5.13 20.32
CA ASP A 138 -6.96 -3.88 19.63
C ASP A 138 -5.73 -2.98 19.63
N PHE A 139 -5.22 -2.64 18.45
CA PHE A 139 -4.06 -1.76 18.30
C PHE A 139 -4.38 -0.33 17.89
N SER A 140 -5.64 0.07 17.95
CA SER A 140 -6.05 1.38 17.41
C SER A 140 -5.42 2.58 18.12
N LYS A 141 -5.03 2.41 19.38
CA LYS A 141 -4.44 3.51 20.15
C LYS A 141 -2.93 3.43 20.33
N ILE A 142 -2.24 2.47 19.70
CA ILE A 142 -0.78 2.29 19.93
C ILE A 142 0.06 3.40 19.33
N TYR A 143 -0.41 4.05 18.26
CA TYR A 143 0.31 5.15 17.64
C TYR A 143 -0.38 6.48 17.97
N LYS A 144 0.32 7.34 18.71
CA LYS A 144 -0.23 8.65 19.12
C LYS A 144 0.33 9.70 18.17
N GLU A 145 -0.54 10.62 17.78
CA GLU A 145 -0.19 11.73 16.89
C GLU A 145 -0.47 13.03 17.62
N THR A 146 0.51 13.92 17.59
CA THR A 146 0.36 15.24 18.21
C THR A 146 0.68 16.33 17.22
N TYR A 147 0.24 17.54 17.53
CA TYR A 147 0.53 18.69 16.69
C TYR A 147 2.03 18.91 16.60
N GLU A 148 2.73 18.84 17.72
CA GLU A 148 4.18 19.05 17.71
C GLU A 148 4.87 18.00 16.82
N LEU A 149 4.49 16.74 16.93
CA LEU A 149 5.02 15.70 16.05
C LEU A 149 4.64 15.92 14.58
N ALA A 150 3.45 16.44 14.32
CA ALA A 150 3.02 16.74 12.96
C ALA A 150 3.89 17.83 12.35
N GLU A 151 4.07 18.89 13.11
CA GLU A 151 4.92 19.99 12.68
C GLU A 151 6.35 19.53 12.39
N GLU A 152 6.92 18.76 13.29
CA GLU A 152 8.28 18.25 13.12
C GLU A 152 8.38 17.34 11.91
N CYS A 153 7.39 16.49 11.71
CA CYS A 153 7.36 15.57 10.55
C CYS A 153 7.43 16.37 9.23
N ILE A 154 6.60 17.41 9.12
CA ILE A 154 6.61 18.27 7.95
C ILE A 154 7.97 18.99 7.82
N GLN A 155 8.50 19.47 8.94
CA GLN A 155 9.83 20.14 8.93
C GLN A 155 10.96 19.25 8.42
N ILE A 156 10.97 18.00 8.86
CA ILE A 156 12.00 17.05 8.43
C ILE A 156 11.76 16.58 7.01
N ASN A 157 10.57 16.05 6.76
CA ASN A 157 10.29 15.33 5.52
C ASN A 157 10.23 16.28 4.31
N TYR A 158 9.55 17.42 4.47
CA TYR A 158 9.40 18.37 3.38
C TYR A 158 10.39 19.51 3.46
N PHE A 159 10.31 20.35 4.50
CA PHE A 159 11.22 21.50 4.54
C PHE A 159 12.71 21.12 4.58
N GLY A 160 13.02 19.99 5.21
CA GLY A 160 14.38 19.47 5.23
C GLY A 160 14.88 19.01 3.85
N THR A 161 13.99 18.40 3.07
CA THR A 161 14.31 18.04 1.69
C THR A 161 14.52 19.32 0.86
N LYS A 162 13.63 20.31 1.02
CA LYS A 162 13.80 21.56 0.30
C LYS A 162 15.08 22.29 0.69
N ARG A 163 15.35 22.39 1.99
CA ARG A 163 16.53 23.10 2.48
C ARG A 163 17.83 22.49 1.95
N THR A 164 17.93 21.15 2.04
CA THR A 164 19.12 20.44 1.60
C THR A 164 19.29 20.60 0.10
N THR A 165 18.19 20.44 -0.64
CA THR A 165 18.23 20.58 -2.10
C THR A 165 18.68 22.01 -2.48
N ASP A 166 18.09 23.02 -1.86
CA ASP A 166 18.48 24.42 -2.15
C ASP A 166 19.94 24.65 -1.91
N ALA A 167 20.47 24.11 -0.81
CA ALA A 167 21.86 24.35 -0.48
C ALA A 167 22.83 23.67 -1.44
N LEU A 168 22.45 22.48 -1.93
CA LEU A 168 23.31 21.69 -2.81
C LEU A 168 23.11 21.92 -4.28
N LEU A 169 22.04 22.62 -4.65
CA LEU A 169 21.75 22.85 -6.06
C LEU A 169 22.90 23.49 -6.85
N PRO A 170 23.53 24.55 -6.30
CA PRO A 170 24.68 25.13 -7.06
C PRO A 170 25.77 24.10 -7.37
N LEU A 171 25.99 23.15 -6.47
CA LEU A 171 26.98 22.08 -6.70
C LEU A 171 26.51 21.02 -7.68
N LEU A 172 25.23 20.64 -7.59
CA LEU A 172 24.61 19.74 -8.57
C LEU A 172 24.63 20.33 -9.97
N GLN A 173 24.48 21.65 -10.06
CA GLN A 173 24.51 22.31 -11.37
C GLN A 173 25.85 22.17 -12.11
N LEU A 174 26.90 21.83 -11.38
CA LEU A 174 28.24 21.59 -11.94
C LEU A 174 28.52 20.15 -12.33
N SER A 175 27.56 19.25 -12.14
CA SER A 175 27.65 17.89 -12.61
C SER A 175 27.38 17.78 -14.09
N ALA A 176 28.01 16.79 -14.75
CA ALA A 176 27.67 16.46 -16.13
C ALA A 176 26.29 15.83 -16.22
N SER A 177 25.85 15.15 -15.15
CA SER A 177 24.54 14.51 -15.16
C SER A 177 24.01 14.44 -13.75
N PRO A 178 23.45 15.55 -13.27
CA PRO A 178 22.95 15.60 -11.89
C PRO A 178 21.67 14.82 -11.69
N ARG A 179 21.56 14.19 -10.52
CA ARG A 179 20.38 13.46 -10.11
C ARG A 179 19.97 13.83 -8.71
N ILE A 180 18.65 13.98 -8.53
CA ILE A 180 18.08 14.18 -7.20
C ILE A 180 17.00 13.10 -7.06
N VAL A 181 17.09 12.31 -6.01
CA VAL A 181 16.11 11.26 -5.75
C VAL A 181 15.45 11.57 -4.40
N ASN A 182 14.13 11.79 -4.43
CA ASN A 182 13.37 12.09 -3.22
C ASN A 182 12.62 10.87 -2.78
N ILE A 183 12.90 10.40 -1.57
CA ILE A 183 12.25 9.18 -1.10
C ILE A 183 10.87 9.57 -0.57
N SER A 184 9.87 8.92 -1.15
CA SER A 184 8.49 9.22 -0.81
C SER A 184 7.82 7.97 -0.34
N SER A 185 6.52 7.86 -0.52
CA SER A 185 5.78 6.70 -0.08
C SER A 185 4.61 6.55 -1.01
N ILE A 186 4.11 5.34 -1.13
CA ILE A 186 2.87 5.08 -1.87
C ILE A 186 1.70 5.89 -1.24
N MET A 187 1.82 6.17 0.05
CA MET A 187 0.85 7.03 0.73
C MET A 187 0.91 8.50 0.27
N GLY A 188 1.94 8.87 -0.45
CA GLY A 188 2.04 10.14 -1.16
C GLY A 188 1.19 10.32 -2.42
N GLN A 189 0.46 9.29 -2.86
CA GLN A 189 -0.45 9.46 -3.97
C GLN A 189 -1.61 10.38 -3.55
N LEU A 190 -2.05 11.22 -4.47
CA LEU A 190 -3.09 12.25 -4.18
C LEU A 190 -4.39 11.66 -3.61
N LYS A 191 -4.72 10.41 -3.99
CA LYS A 191 -5.94 9.74 -3.51
C LYS A 191 -6.02 9.51 -2.00
N ASN A 192 -4.90 9.65 -1.29
CA ASN A 192 -4.89 9.53 0.17
C ASN A 192 -5.33 10.82 0.89
N ILE A 193 -5.57 11.91 0.14
CA ILE A 193 -6.09 13.17 0.68
C ILE A 193 -7.51 13.41 0.12
N PRO A 194 -8.55 13.24 0.95
CA PRO A 194 -9.90 13.47 0.45
C PRO A 194 -10.20 14.89 -0.04
N SER A 195 -9.58 15.89 0.59
CA SER A 195 -9.92 17.30 0.33
C SER A 195 -9.82 17.67 -1.16
N GLU A 196 -10.94 18.07 -1.74
CA GLU A 196 -10.95 18.50 -3.14
C GLU A 196 -10.15 19.80 -3.31
N TRP A 197 -10.21 20.67 -2.31
CA TRP A 197 -9.38 21.87 -2.29
C TRP A 197 -7.89 21.50 -2.39
N ALA A 198 -7.44 20.57 -1.55
CA ALA A 198 -6.04 20.22 -1.51
C ALA A 198 -5.61 19.53 -2.80
N LYS A 199 -6.41 18.58 -3.27
CA LYS A 199 -6.10 17.88 -4.52
C LYS A 199 -6.06 18.80 -5.72
N GLY A 200 -6.94 19.80 -5.72
CA GLY A 200 -6.99 20.81 -6.78
C GLY A 200 -5.68 21.56 -6.93
N ILE A 201 -5.07 21.92 -5.80
CA ILE A 201 -3.76 22.58 -5.81
C ILE A 201 -2.67 21.57 -6.12
N LEU A 202 -2.65 20.48 -5.38
CA LEU A 202 -1.54 19.50 -5.46
C LEU A 202 -1.44 18.77 -6.79
N GLY A 203 -2.60 18.52 -7.39
CA GLY A 203 -2.70 17.82 -8.67
C GLY A 203 -2.56 18.70 -9.92
N ASP A 204 -2.65 20.03 -9.77
CA ASP A 204 -2.55 20.92 -10.92
C ASP A 204 -1.08 21.24 -11.22
N ALA A 205 -0.43 20.30 -11.91
CA ALA A 205 1.00 20.34 -12.17
C ALA A 205 1.46 21.64 -12.84
N SER A 206 0.68 22.09 -13.81
CA SER A 206 1.03 23.30 -14.56
C SER A 206 1.13 24.55 -13.68
N ASN A 207 0.36 24.59 -12.59
CA ASN A 207 0.35 25.76 -11.69
C ASN A 207 1.05 25.54 -10.35
N LEU A 208 1.79 24.44 -10.21
CA LEU A 208 2.46 24.13 -8.95
C LEU A 208 3.57 25.13 -8.66
N THR A 209 3.57 25.69 -7.45
CA THR A 209 4.66 26.54 -6.98
C THR A 209 4.95 26.17 -5.54
N GLU A 210 6.14 26.54 -5.08
CA GLU A 210 6.49 26.35 -3.66
C GLU A 210 5.54 27.11 -2.72
N ASP A 211 5.12 28.31 -3.10
CA ASP A 211 4.17 29.06 -2.28
C ASP A 211 2.82 28.33 -2.15
N ARG A 212 2.37 27.69 -3.22
CA ARG A 212 1.13 26.91 -3.17
C ARG A 212 1.22 25.66 -2.28
N LEU A 213 2.40 25.04 -2.27
CA LEU A 213 2.65 23.93 -1.34
C LEU A 213 2.61 24.40 0.12
N ASP A 214 3.17 25.58 0.39
CA ASP A 214 3.09 26.18 1.73
C ASP A 214 1.64 26.41 2.19
N GLU A 215 0.80 26.82 1.26
CA GLU A 215 -0.61 27.07 1.57
C GLU A 215 -1.29 25.74 1.98
N VAL A 216 -0.98 24.67 1.27
CA VAL A 216 -1.52 23.35 1.62
C VAL A 216 -1.05 22.93 3.02
N ILE A 217 0.24 23.03 3.26
CA ILE A 217 0.81 22.70 4.57
C ILE A 217 0.21 23.54 5.71
N ASN A 218 0.12 24.84 5.48
CA ASN A 218 -0.41 25.77 6.50
C ASN A 218 -1.84 25.40 6.89
N ASN A 219 -2.65 25.15 5.88
CA ASN A 219 -4.04 24.77 6.10
C ASN A 219 -4.15 23.42 6.81
N PHE A 220 -3.37 22.44 6.39
CA PHE A 220 -3.33 21.14 7.08
C PHE A 220 -3.00 21.30 8.58
N LEU A 221 -1.95 22.05 8.88
CA LEU A 221 -1.52 22.22 10.27
C LEU A 221 -2.55 23.00 11.10
N LYS A 222 -3.13 24.04 10.51
CA LYS A 222 -4.20 24.78 11.17
C LYS A 222 -5.37 23.85 11.49
N ASP A 223 -5.78 23.07 10.48
CA ASP A 223 -6.87 22.10 10.67
C ASP A 223 -6.52 21.01 11.69
N PHE A 224 -5.26 20.56 11.71
CA PHE A 224 -4.79 19.59 12.72
C PHE A 224 -4.97 20.15 14.14
N LYS A 225 -4.44 21.37 14.34
CA LYS A 225 -4.49 22.02 15.64
C LYS A 225 -5.94 22.30 16.09
N GLU A 226 -6.83 22.67 15.14
CA GLU A 226 -8.24 22.92 15.46
C GLU A 226 -9.03 21.65 15.72
N GLY A 227 -8.49 20.49 15.33
CA GLY A 227 -9.14 19.21 15.50
C GLY A 227 -10.21 18.99 14.47
N SER A 228 -9.95 19.45 13.24
CA SER A 228 -10.93 19.37 12.15
C SER A 228 -10.44 18.54 10.94
N LEU A 229 -9.57 17.55 11.18
CA LEU A 229 -9.00 16.77 10.08
C LEU A 229 -10.08 16.11 9.23
N ALA A 230 -11.02 15.42 9.88
CA ALA A 230 -12.07 14.71 9.16
C ALA A 230 -12.96 15.67 8.36
N ALA A 231 -13.42 16.74 9.02
CA ALA A 231 -14.32 17.74 8.40
C ALA A 231 -13.68 18.47 7.20
N LYS A 232 -12.36 18.65 7.22
CA LYS A 232 -11.66 19.38 6.18
C LYS A 232 -10.98 18.45 5.16
N GLY A 233 -11.24 17.15 5.25
CA GLY A 233 -10.79 16.20 4.24
C GLY A 233 -9.32 15.86 4.28
N TRP A 234 -8.74 15.82 5.47
CA TRP A 234 -7.36 15.33 5.63
C TRP A 234 -7.40 13.88 6.10
N PRO A 235 -6.34 13.11 5.83
CA PRO A 235 -6.29 11.74 6.37
C PRO A 235 -6.35 11.75 7.90
N PRO A 236 -7.15 10.86 8.50
CA PRO A 236 -7.33 10.89 9.94
C PRO A 236 -6.18 10.24 10.73
N SER A 237 -5.37 9.42 10.08
CA SER A 237 -4.28 8.70 10.71
C SER A 237 -3.04 8.83 9.84
N PHE A 238 -1.85 8.78 10.46
CA PHE A 238 -0.57 9.12 9.80
C PHE A 238 -0.69 10.40 8.95
N SER A 239 -1.36 11.39 9.53
CA SER A 239 -1.85 12.55 8.79
C SER A 239 -0.67 13.37 8.28
N ALA A 240 0.25 13.70 9.17
CA ALA A 240 1.41 14.52 8.77
C ALA A 240 2.33 13.76 7.81
N TYR A 241 2.52 12.48 8.04
CA TYR A 241 3.34 11.68 7.15
C TYR A 241 2.79 11.69 5.71
N ILE A 242 1.51 11.41 5.58
CA ILE A 242 0.85 11.39 4.26
C ILE A 242 0.95 12.76 3.56
N VAL A 243 0.61 13.82 4.29
CA VAL A 243 0.66 15.16 3.72
C VAL A 243 2.09 15.48 3.30
N SER A 244 3.05 15.16 4.16
CA SER A 244 4.47 15.43 3.85
C SER A 244 4.90 14.76 2.55
N LYS A 245 4.46 13.53 2.34
CA LYS A 245 4.88 12.77 1.17
C LYS A 245 4.15 13.20 -0.12
N VAL A 246 2.88 13.57 0.00
CA VAL A 246 2.15 14.10 -1.16
C VAL A 246 2.86 15.42 -1.60
N VAL A 247 3.24 16.23 -0.63
CA VAL A 247 3.90 17.50 -0.90
C VAL A 247 5.31 17.27 -1.46
N VAL A 248 6.03 16.28 -0.93
CA VAL A 248 7.34 15.95 -1.51
C VAL A 248 7.19 15.54 -2.96
N ASN A 249 6.18 14.75 -3.28
CA ASN A 249 5.95 14.37 -4.68
C ASN A 249 5.71 15.60 -5.56
N ALA A 250 4.86 16.53 -5.08
CA ALA A 250 4.58 17.76 -5.83
C ALA A 250 5.85 18.62 -6.03
N TYR A 251 6.64 18.73 -4.97
CA TYR A 251 7.91 19.46 -4.99
C TYR A 251 8.87 18.85 -6.04
N THR A 252 8.88 17.51 -6.11
CA THR A 252 9.68 16.80 -7.12
C THR A 252 9.32 17.24 -8.54
N ARG A 253 8.03 17.38 -8.80
CA ARG A 253 7.53 17.84 -10.10
C ARG A 253 7.98 19.27 -10.41
N ILE A 254 7.90 20.14 -9.42
CA ILE A 254 8.36 21.54 -9.56
C ILE A 254 9.83 21.58 -9.98
N LEU A 255 10.65 20.87 -9.23
CA LEU A 255 12.10 20.80 -9.51
C LEU A 255 12.40 20.27 -10.90
N ALA A 256 11.73 19.20 -11.29
CA ALA A 256 12.01 18.57 -12.57
C ALA A 256 11.73 19.52 -13.73
N LYS A 257 10.71 20.36 -13.60
CA LYS A 257 10.40 21.33 -14.62
C LYS A 257 11.43 22.46 -14.67
N LYS A 258 11.94 22.86 -13.51
N LYS A 258 11.94 22.86 -13.51
CA LYS A 258 12.93 23.94 -13.44
CA LYS A 258 12.93 23.94 -13.44
C LYS A 258 14.32 23.57 -13.97
C LYS A 258 14.32 23.57 -13.97
N TYR A 259 14.68 22.30 -13.87
CA TYR A 259 16.03 21.81 -14.14
C TYR A 259 16.02 20.63 -15.13
N PRO A 260 15.77 20.91 -16.41
CA PRO A 260 15.53 19.84 -17.39
C PRO A 260 16.74 18.89 -17.63
N ASN A 261 17.95 19.36 -17.34
CA ASN A 261 19.16 18.54 -17.48
C ASN A 261 19.39 17.57 -16.29
N PHE A 262 18.58 17.71 -15.24
CA PHE A 262 18.69 16.86 -14.05
C PHE A 262 17.73 15.68 -14.19
N LYS A 263 18.02 14.55 -13.53
CA LYS A 263 17.02 13.47 -13.33
C LYS A 263 16.50 13.61 -11.91
N ILE A 264 15.28 14.09 -11.77
CA ILE A 264 14.72 14.43 -10.46
C ILE A 264 13.46 13.62 -10.36
N ASN A 265 13.51 12.57 -9.57
CA ASN A 265 12.42 11.62 -9.44
C ASN A 265 12.11 11.32 -7.98
N CYS A 266 10.88 10.89 -7.71
CA CYS A 266 10.51 10.48 -6.35
C CYS A 266 10.11 9.03 -6.39
N VAL A 267 10.25 8.36 -5.25
CA VAL A 267 10.15 6.90 -5.24
C VAL A 267 9.63 6.37 -3.93
N CYS A 268 8.67 5.44 -4.01
CA CYS A 268 8.30 4.61 -2.86
C CYS A 268 9.25 3.41 -2.88
N PRO A 269 10.09 3.27 -1.84
CA PRO A 269 11.09 2.20 -1.84
C PRO A 269 10.48 0.84 -1.48
N GLY A 270 9.26 0.84 -0.97
CA GLY A 270 8.56 -0.37 -0.55
C GLY A 270 8.44 -0.40 0.95
N PHE A 271 7.58 -1.28 1.44
CA PHE A 271 7.34 -1.45 2.87
C PHE A 271 8.49 -2.29 3.45
N ALA A 272 9.43 -1.60 4.10
CA ALA A 272 10.73 -2.14 4.47
C ALA A 272 10.89 -2.27 5.97
N LYS A 273 11.55 -3.35 6.40
CA LYS A 273 11.75 -3.66 7.82
C LYS A 273 12.81 -2.72 8.40
N THR A 274 12.37 -1.57 8.87
CA THR A 274 13.28 -0.58 9.47
C THR A 274 12.66 -0.06 10.75
N ASP A 275 13.41 0.78 11.46
CA ASP A 275 12.91 1.40 12.68
C ASP A 275 11.71 2.30 12.45
N LEU A 276 11.54 2.81 11.23
CA LEU A 276 10.35 3.61 10.91
C LEU A 276 9.06 2.88 11.27
N ASN A 277 9.05 1.57 11.01
CA ASN A 277 7.89 0.70 11.28
C ASN A 277 8.08 -0.20 12.49
N HIS A 278 9.01 0.17 13.38
CA HIS A 278 9.39 -0.66 14.52
C HIS A 278 9.73 -2.12 14.15
N GLY A 279 10.39 -2.28 13.01
CA GLY A 279 10.84 -3.58 12.52
C GLY A 279 9.89 -4.31 11.60
N LEU A 280 8.67 -3.79 11.43
CA LEU A 280 7.68 -4.43 10.55
C LEU A 280 7.96 -4.06 9.09
N GLY A 281 7.58 -4.95 8.18
CA GLY A 281 7.76 -4.72 6.75
C GLY A 281 7.80 -6.01 5.95
N LEU A 282 7.75 -5.88 4.64
CA LEU A 282 7.82 -7.01 3.72
C LEU A 282 9.21 -7.18 3.11
N LEU A 283 9.86 -6.07 2.81
CA LEU A 283 11.19 -6.05 2.22
C LEU A 283 12.22 -5.80 3.29
N THR A 284 13.45 -6.24 3.05
CA THR A 284 14.59 -5.77 3.84
C THR A 284 14.91 -4.36 3.39
N ALA A 285 15.57 -3.61 4.26
CA ALA A 285 16.09 -2.28 3.91
C ALA A 285 17.01 -2.38 2.68
N GLU A 286 17.80 -3.46 2.58
CA GLU A 286 18.69 -3.64 1.42
C GLU A 286 17.89 -3.76 0.13
N GLU A 287 16.87 -4.61 0.14
CA GLU A 287 15.99 -4.76 -1.01
C GLU A 287 15.30 -3.45 -1.39
N ALA A 288 14.81 -2.72 -0.38
CA ALA A 288 14.14 -1.45 -0.63
C ALA A 288 15.06 -0.42 -1.24
N ALA A 289 16.33 -0.42 -0.84
CA ALA A 289 17.30 0.55 -1.33
C ALA A 289 17.60 0.40 -2.84
N GLU A 290 17.35 -0.79 -3.40
CA GLU A 290 17.55 -1.00 -4.85
C GLU A 290 16.82 0.06 -5.67
N ASN A 291 15.64 0.43 -5.20
CA ASN A 291 14.76 1.31 -5.93
C ASN A 291 15.28 2.75 -6.07
N PRO A 292 15.63 3.42 -4.97
CA PRO A 292 16.25 4.75 -5.13
C PRO A 292 17.61 4.67 -5.83
N VAL A 293 18.35 3.59 -5.63
CA VAL A 293 19.66 3.45 -6.28
C VAL A 293 19.51 3.41 -7.80
N LYS A 294 18.53 2.69 -8.30
CA LYS A 294 18.26 2.70 -9.75
C LYS A 294 18.00 4.12 -10.28
N LEU A 295 17.26 4.91 -9.54
CA LEU A 295 16.97 6.30 -9.97
C LEU A 295 18.19 7.18 -9.88
N ALA A 296 19.09 6.90 -8.94
CA ALA A 296 20.33 7.66 -8.88
C ALA A 296 21.29 7.32 -10.05
N LEU A 297 21.21 6.08 -10.55
CA LEU A 297 22.13 5.56 -11.58
C LEU A 297 21.47 5.37 -12.95
N LEU A 298 20.40 6.11 -13.21
CA LEU A 298 19.74 6.07 -14.51
C LEU A 298 20.73 6.36 -15.62
N PRO A 299 20.46 5.86 -16.82
CA PRO A 299 21.23 6.38 -17.98
C PRO A 299 21.00 7.87 -18.20
N ASP A 300 21.93 8.50 -18.92
CA ASP A 300 21.88 9.95 -19.10
C ASP A 300 20.65 10.41 -19.87
N ASP A 301 20.06 9.51 -20.70
CA ASP A 301 18.81 9.84 -21.37
C ASP A 301 17.53 9.47 -20.60
N GLY A 302 17.68 9.08 -19.33
CA GLY A 302 16.57 8.63 -18.51
C GLY A 302 15.53 9.68 -18.11
N PRO A 303 14.46 9.22 -17.47
CA PRO A 303 13.32 10.08 -17.19
C PRO A 303 13.55 11.03 -16.00
N SER A 304 12.71 12.07 -15.96
CA SER A 304 12.69 13.01 -14.87
C SER A 304 11.27 13.46 -14.60
N GLY A 305 11.01 13.85 -13.37
CA GLY A 305 9.73 14.38 -12.94
C GLY A 305 8.67 13.33 -12.69
N LEU A 306 9.10 12.09 -12.47
CA LEU A 306 8.15 10.98 -12.31
C LEU A 306 8.15 10.42 -10.88
N PHE A 307 7.06 9.70 -10.58
CA PHE A 307 6.92 8.95 -9.34
C PHE A 307 7.07 7.47 -9.69
N PHE A 308 7.89 6.77 -8.89
CA PHE A 308 8.09 5.34 -9.03
C PHE A 308 7.59 4.62 -7.80
N ASP A 309 6.80 3.58 -8.04
CA ASP A 309 6.43 2.64 -6.98
C ASP A 309 7.44 1.50 -7.10
N ARG A 310 8.43 1.50 -6.20
CA ARG A 310 9.53 0.54 -6.24
C ARG A 310 10.25 0.67 -7.61
N SER A 311 10.18 -0.33 -8.48
CA SER A 311 10.88 -0.33 -9.79
C SER A 311 10.00 0.18 -10.93
N GLU A 312 8.73 0.45 -10.68
CA GLU A 312 7.77 0.72 -11.75
C GLU A 312 7.31 2.16 -11.72
N GLU A 313 7.30 2.82 -12.88
CA GLU A 313 6.68 4.13 -12.96
C GLU A 313 5.19 4.02 -12.53
N SER A 314 4.73 5.00 -11.76
CA SER A 314 3.41 5.01 -11.17
C SER A 314 2.77 6.41 -11.23
N SER A 315 1.47 6.51 -10.99
CA SER A 315 0.79 7.81 -11.11
C SER A 315 1.02 8.63 -9.83
N PHE A 316 1.07 9.94 -10.00
CA PHE A 316 0.97 10.87 -8.87
C PHE A 316 -0.42 10.86 -8.22
N GLU A 317 -1.45 10.51 -9.01
CA GLU A 317 -2.84 10.43 -8.54
C GLU A 317 -3.07 9.25 -7.60
N SER B 25 -37.77 -5.46 -11.49
CA SER B 25 -37.44 -4.29 -10.62
C SER B 25 -36.43 -4.66 -9.51
N GLU B 26 -36.82 -5.58 -8.63
CA GLU B 26 -36.04 -5.87 -7.42
C GLU B 26 -34.73 -6.56 -7.79
N LYS B 27 -33.65 -6.22 -7.10
N LYS B 27 -33.63 -6.14 -7.16
CA LYS B 27 -32.34 -6.82 -7.34
CA LYS B 27 -32.30 -6.75 -7.33
C LYS B 27 -31.91 -7.52 -6.06
C LYS B 27 -31.94 -7.53 -6.07
N TYR B 28 -31.13 -8.58 -6.23
CA TYR B 28 -30.73 -9.47 -5.13
C TYR B 28 -29.22 -9.59 -5.04
N ALA B 29 -28.70 -9.47 -3.82
CA ALA B 29 -27.26 -9.56 -3.55
C ALA B 29 -26.96 -10.51 -2.41
N VAL B 30 -25.80 -11.17 -2.48
CA VAL B 30 -25.17 -11.87 -1.38
C VAL B 30 -23.78 -11.26 -1.13
N VAL B 31 -23.45 -11.01 0.12
CA VAL B 31 -22.11 -10.55 0.49
C VAL B 31 -21.55 -11.55 1.49
N THR B 32 -20.44 -12.19 1.16
CA THR B 32 -19.83 -13.15 2.07
C THR B 32 -19.06 -12.43 3.18
N GLY B 33 -19.01 -13.03 4.37
CA GLY B 33 -18.29 -12.42 5.48
C GLY B 33 -18.75 -11.02 5.81
N SER B 34 -20.05 -10.87 6.12
CA SER B 34 -20.62 -9.53 6.27
C SER B 34 -21.20 -9.20 7.64
N ASN B 35 -20.85 -9.97 8.66
CA ASN B 35 -21.23 -9.61 10.02
C ASN B 35 -20.48 -8.37 10.55
N LYS B 36 -19.33 -8.06 9.94
CA LYS B 36 -18.54 -6.91 10.38
C LYS B 36 -17.69 -6.40 9.21
N GLY B 37 -16.99 -5.31 9.47
CA GLY B 37 -15.94 -4.86 8.56
C GLY B 37 -16.48 -4.34 7.26
N ILE B 38 -15.68 -4.47 6.22
CA ILE B 38 -16.04 -3.98 4.91
C ILE B 38 -17.29 -4.68 4.36
N GLY B 39 -17.43 -5.98 4.64
CA GLY B 39 -18.59 -6.73 4.19
C GLY B 39 -19.88 -6.15 4.75
N PHE B 40 -19.87 -5.83 6.04
CA PHE B 40 -21.05 -5.24 6.68
C PHE B 40 -21.42 -3.91 6.01
N GLU B 41 -20.41 -3.06 5.82
CA GLU B 41 -20.64 -1.75 5.24
C GLU B 41 -21.11 -1.84 3.77
N THR B 42 -20.67 -2.88 3.08
CA THR B 42 -21.09 -3.17 1.71
C THR B 42 -22.60 -3.50 1.69
N CYS B 43 -23.02 -4.34 2.63
CA CYS B 43 -24.46 -4.63 2.78
C CYS B 43 -25.25 -3.37 3.01
N LYS B 44 -24.76 -2.49 3.89
CA LYS B 44 -25.46 -1.28 4.21
C LYS B 44 -25.67 -0.39 2.96
N LYS B 45 -24.60 -0.21 2.19
CA LYS B 45 -24.70 0.62 0.99
C LYS B 45 -25.62 0.02 -0.06
N LEU B 46 -25.54 -1.29 -0.27
CA LEU B 46 -26.41 -1.96 -1.25
C LEU B 46 -27.88 -1.84 -0.84
N ALA B 47 -28.16 -2.11 0.43
CA ALA B 47 -29.55 -1.98 0.92
C ALA B 47 -30.05 -0.52 0.84
N SER B 48 -29.15 0.44 1.05
CA SER B 48 -29.53 1.85 0.90
C SER B 48 -29.95 2.20 -0.53
N GLN B 49 -29.46 1.46 -1.51
CA GLN B 49 -29.91 1.57 -2.90
C GLN B 49 -31.23 0.86 -3.20
N GLY B 50 -31.81 0.16 -2.23
CA GLY B 50 -33.09 -0.53 -2.45
C GLY B 50 -32.89 -2.00 -2.84
N ILE B 51 -31.64 -2.46 -2.86
CA ILE B 51 -31.30 -3.84 -3.21
C ILE B 51 -31.66 -4.74 -2.04
N THR B 52 -32.23 -5.90 -2.38
CA THR B 52 -32.46 -6.93 -1.37
C THR B 52 -31.15 -7.66 -1.10
N VAL B 53 -30.66 -7.60 0.14
CA VAL B 53 -29.33 -8.06 0.49
C VAL B 53 -29.38 -9.20 1.49
N VAL B 54 -28.66 -10.27 1.19
CA VAL B 54 -28.44 -11.35 2.13
C VAL B 54 -27.10 -11.11 2.79
N LEU B 55 -27.14 -10.62 4.02
CA LEU B 55 -25.97 -10.60 4.90
C LEU B 55 -25.69 -12.04 5.31
N THR B 56 -24.42 -12.43 5.29
CA THR B 56 -24.04 -13.76 5.67
C THR B 56 -22.91 -13.74 6.65
N ALA B 57 -22.81 -14.82 7.42
CA ALA B 57 -21.80 -14.94 8.41
C ALA B 57 -21.58 -16.41 8.73
N ARG B 58 -20.35 -16.76 9.04
CA ARG B 58 -20.09 -18.15 9.45
C ARG B 58 -20.67 -18.49 10.83
N ASP B 59 -20.74 -17.49 11.72
CA ASP B 59 -21.32 -17.61 13.03
C ASP B 59 -22.74 -17.05 13.06
N GLU B 60 -23.72 -17.88 13.43
CA GLU B 60 -25.10 -17.42 13.41
C GLU B 60 -25.36 -16.21 14.32
N LYS B 61 -24.85 -16.24 15.54
CA LYS B 61 -25.11 -15.14 16.47
C LYS B 61 -24.53 -13.83 15.92
N ARG B 62 -23.28 -13.86 15.44
CA ARG B 62 -22.69 -12.65 14.90
C ARG B 62 -23.49 -12.13 13.71
N GLY B 63 -23.98 -13.03 12.86
CA GLY B 63 -24.77 -12.64 11.72
C GLY B 63 -26.11 -12.06 12.10
N LEU B 64 -26.81 -12.71 13.02
CA LEU B 64 -28.12 -12.20 13.48
C LEU B 64 -28.01 -10.84 14.16
N ASP B 65 -26.97 -10.66 14.97
CA ASP B 65 -26.71 -9.37 15.61
C ASP B 65 -26.45 -8.26 14.59
N ALA B 66 -25.69 -8.60 13.55
CA ALA B 66 -25.41 -7.65 12.48
C ALA B 66 -26.65 -7.32 11.70
N LEU B 67 -27.49 -8.33 11.42
CA LEU B 67 -28.78 -8.08 10.77
C LEU B 67 -29.63 -7.08 11.54
N GLU B 68 -29.71 -7.26 12.86
N GLU B 68 -29.70 -7.24 12.86
CA GLU B 68 -30.46 -6.34 13.70
CA GLU B 68 -30.49 -6.35 13.68
C GLU B 68 -29.95 -4.91 13.58
C GLU B 68 -29.96 -4.89 13.61
N LYS B 69 -28.64 -4.71 13.56
CA LYS B 69 -28.05 -3.36 13.35
C LYS B 69 -28.48 -2.75 12.00
N LEU B 70 -28.50 -3.56 10.95
CA LEU B 70 -28.95 -3.07 9.65
C LEU B 70 -30.42 -2.72 9.67
N LYS B 71 -31.23 -3.57 10.34
CA LYS B 71 -32.66 -3.29 10.42
C LYS B 71 -32.95 -1.95 11.11
N GLU B 72 -32.14 -1.60 12.10
CA GLU B 72 -32.34 -0.36 12.85
C GLU B 72 -32.13 0.92 12.04
N LEU B 73 -31.45 0.83 10.89
CA LEU B 73 -31.15 1.99 10.05
C LEU B 73 -32.27 2.39 9.08
N GLY B 74 -33.36 1.63 9.03
CA GLY B 74 -34.53 1.98 8.23
C GLY B 74 -34.24 2.18 6.76
N LEU B 75 -33.41 1.29 6.22
CA LEU B 75 -32.98 1.40 4.83
C LEU B 75 -34.07 0.94 3.85
N SER B 76 -33.99 1.37 2.59
CA SER B 76 -35.09 1.08 1.66
C SER B 76 -35.09 -0.40 1.26
N GLY B 77 -33.91 -1.00 1.12
CA GLY B 77 -33.80 -2.39 0.67
C GLY B 77 -34.00 -3.38 1.79
N LYS B 78 -34.71 -4.46 1.48
CA LYS B 78 -34.88 -5.58 2.40
C LYS B 78 -33.55 -6.24 2.71
N VAL B 79 -33.36 -6.57 3.98
CA VAL B 79 -32.17 -7.25 4.44
C VAL B 79 -32.56 -8.58 5.07
N LEU B 80 -31.86 -9.64 4.71
CA LEU B 80 -32.07 -10.98 5.21
C LEU B 80 -30.73 -11.49 5.73
N PHE B 81 -30.79 -12.52 6.57
CA PHE B 81 -29.60 -13.24 7.01
C PHE B 81 -29.61 -14.69 6.55
N HIS B 82 -28.45 -15.19 6.15
CA HIS B 82 -28.25 -16.63 6.02
C HIS B 82 -26.83 -16.98 6.44
N GLN B 83 -26.69 -18.07 7.17
CA GLN B 83 -25.38 -18.55 7.55
C GLN B 83 -24.55 -18.95 6.33
N LEU B 84 -23.25 -18.70 6.40
CA LEU B 84 -22.36 -19.12 5.34
C LEU B 84 -20.93 -19.18 5.83
N ASP B 85 -20.35 -20.37 5.80
CA ASP B 85 -18.92 -20.58 5.96
C ASP B 85 -18.42 -21.04 4.62
N VAL B 86 -17.57 -20.22 4.00
CA VAL B 86 -17.14 -20.46 2.61
C VAL B 86 -16.25 -21.70 2.47
N THR B 87 -15.73 -22.23 3.57
CA THR B 87 -14.92 -23.43 3.57
C THR B 87 -15.73 -24.75 3.67
N ASP B 88 -17.04 -24.66 3.84
CA ASP B 88 -17.91 -25.78 4.20
C ASP B 88 -18.91 -26.02 3.06
N SER B 89 -18.76 -27.14 2.36
CA SER B 89 -19.63 -27.49 1.23
C SER B 89 -21.13 -27.51 1.56
N SER B 90 -21.47 -28.09 2.71
CA SER B 90 -22.85 -28.14 3.17
C SER B 90 -23.42 -26.75 3.40
N SER B 91 -22.64 -25.90 4.04
CA SER B 91 -23.01 -24.51 4.27
C SER B 91 -23.26 -23.75 2.96
N VAL B 92 -22.33 -23.88 2.03
CA VAL B 92 -22.44 -23.24 0.72
C VAL B 92 -23.69 -23.73 -0.01
N ALA B 93 -23.89 -25.05 -0.02
CA ALA B 93 -25.08 -25.63 -0.69
C ALA B 93 -26.37 -25.09 -0.11
N SER B 94 -26.42 -24.98 1.23
CA SER B 94 -27.63 -24.48 1.90
C SER B 94 -27.93 -23.05 1.51
N LEU B 95 -26.88 -22.22 1.41
CA LEU B 95 -27.05 -20.84 0.97
C LEU B 95 -27.58 -20.77 -0.44
N ALA B 96 -26.99 -21.57 -1.32
CA ALA B 96 -27.44 -21.58 -2.71
C ALA B 96 -28.91 -21.97 -2.83
N GLU B 97 -29.30 -23.01 -2.09
CA GLU B 97 -30.69 -23.45 -2.11
C GLU B 97 -31.63 -22.38 -1.55
N PHE B 98 -31.20 -21.67 -0.51
CA PHE B 98 -31.96 -20.54 0.06
C PHE B 98 -32.19 -19.44 -0.96
N VAL B 99 -31.13 -19.04 -1.64
CA VAL B 99 -31.25 -18.04 -2.69
C VAL B 99 -32.21 -18.51 -3.79
N LYS B 100 -32.09 -19.78 -4.20
CA LYS B 100 -32.94 -20.33 -5.24
C LYS B 100 -34.41 -20.28 -4.82
N LYS B 101 -34.67 -20.70 -3.59
CA LYS B 101 -36.04 -20.73 -3.07
C LYS B 101 -36.63 -19.34 -2.84
N GLN B 102 -35.84 -18.44 -2.26
CA GLN B 102 -36.33 -17.10 -1.92
C GLN B 102 -36.47 -16.18 -3.12
N PHE B 103 -35.48 -16.21 -4.01
CA PHE B 103 -35.40 -15.25 -5.12
C PHE B 103 -35.54 -15.84 -6.51
N GLY B 104 -35.10 -17.08 -6.70
CA GLY B 104 -35.06 -17.70 -8.05
C GLY B 104 -33.89 -17.30 -8.94
N ARG B 105 -33.05 -16.38 -8.47
N ARG B 105 -33.08 -16.36 -8.47
CA ARG B 105 -31.87 -15.93 -9.21
CA ARG B 105 -31.92 -15.87 -9.20
C ARG B 105 -31.05 -15.11 -8.22
C ARG B 105 -31.05 -15.10 -8.21
N LEU B 106 -29.89 -14.64 -8.68
CA LEU B 106 -29.06 -13.71 -7.92
C LEU B 106 -28.51 -12.70 -8.90
N ASP B 107 -28.40 -11.43 -8.48
CA ASP B 107 -27.86 -10.39 -9.36
C ASP B 107 -26.42 -10.04 -9.00
N ILE B 108 -26.11 -10.04 -7.72
CA ILE B 108 -24.82 -9.58 -7.22
C ILE B 108 -24.25 -10.57 -6.22
N LEU B 109 -22.98 -10.95 -6.42
CA LEU B 109 -22.20 -11.67 -5.41
C LEU B 109 -20.96 -10.87 -5.09
N VAL B 110 -20.76 -10.55 -3.81
CA VAL B 110 -19.50 -9.95 -3.35
C VAL B 110 -18.75 -10.98 -2.50
N ASN B 111 -17.60 -11.44 -3.02
CA ASN B 111 -16.73 -12.38 -2.31
C ASN B 111 -15.77 -11.58 -1.42
N ASN B 112 -16.25 -11.29 -0.22
CA ASN B 112 -15.56 -10.45 0.74
C ASN B 112 -14.87 -11.20 1.85
N ALA B 113 -15.43 -12.35 2.26
CA ALA B 113 -14.84 -13.14 3.34
C ALA B 113 -13.35 -13.29 3.15
N GLY B 114 -12.58 -12.99 4.19
CA GLY B 114 -11.12 -13.14 4.09
C GLY B 114 -10.43 -13.01 5.42
N VAL B 115 -9.25 -13.61 5.51
CA VAL B 115 -8.40 -13.56 6.69
C VAL B 115 -6.97 -13.32 6.26
N ASN B 116 -6.13 -12.91 7.18
CA ASN B 116 -4.74 -12.54 6.84
C ASN B 116 -3.72 -13.64 7.01
N GLY B 117 -4.12 -14.78 7.59
CA GLY B 117 -3.18 -15.88 7.79
C GLY B 117 -2.09 -15.67 8.85
N VAL B 118 -2.25 -14.68 9.72
CA VAL B 118 -1.31 -14.47 10.80
C VAL B 118 -2.02 -14.41 12.12
N ILE B 119 -1.26 -14.58 13.20
CA ILE B 119 -1.83 -14.41 14.51
C ILE B 119 -0.90 -13.52 15.31
N THR B 120 -1.50 -12.67 16.15
CA THR B 120 -0.76 -11.75 17.01
C THR B 120 -0.27 -12.52 18.23
N ASP B 121 0.98 -12.33 18.59
CA ASP B 121 1.58 -13.02 19.73
C ASP B 121 1.27 -12.26 21.01
N VAL B 122 0.39 -12.86 21.82
CA VAL B 122 -0.08 -12.26 23.08
C VAL B 122 1.01 -12.20 24.16
N GLU B 123 1.90 -13.20 24.24
CA GLU B 123 3.06 -13.12 25.14
C GLU B 123 4.07 -12.01 24.75
N ALA B 124 4.20 -11.78 23.43
CA ALA B 124 5.04 -10.68 22.92
C ALA B 124 4.37 -9.34 23.19
N VAL B 125 3.06 -9.32 23.08
CA VAL B 125 2.22 -8.18 23.48
C VAL B 125 2.23 -8.07 25.01
N ASP B 136 12.65 2.78 20.71
CA ASP B 136 13.24 1.47 20.99
C ASP B 136 12.26 0.29 20.83
N VAL B 137 10.95 0.55 20.90
CA VAL B 137 9.94 -0.50 20.87
C VAL B 137 9.99 -1.29 19.55
N ASP B 138 10.28 -2.58 19.64
CA ASP B 138 10.48 -3.44 18.47
C ASP B 138 9.28 -4.37 18.30
N PHE B 139 8.57 -4.27 17.17
CA PHE B 139 7.38 -5.09 16.90
C PHE B 139 7.63 -6.24 15.91
N SER B 140 8.89 -6.56 15.62
CA SER B 140 9.21 -7.49 14.52
C SER B 140 8.68 -8.92 14.73
N LYS B 141 8.48 -9.34 15.98
CA LYS B 141 8.01 -10.69 16.28
C LYS B 141 6.52 -10.79 16.64
N ILE B 142 5.76 -9.70 16.56
CA ILE B 142 4.36 -9.73 17.06
C ILE B 142 3.40 -10.55 16.18
N TYR B 143 3.69 -10.70 14.90
CA TYR B 143 2.83 -11.44 13.98
C TYR B 143 3.44 -12.80 13.63
N LYS B 144 2.79 -13.88 14.06
CA LYS B 144 3.30 -15.23 13.84
C LYS B 144 2.57 -15.82 12.64
N GLU B 145 3.31 -16.55 11.80
CA GLU B 145 2.77 -17.29 10.67
C GLU B 145 3.06 -18.77 10.86
N THR B 146 2.05 -19.58 10.64
CA THR B 146 2.17 -21.04 10.71
C THR B 146 1.60 -21.67 9.47
N TYR B 147 1.97 -22.93 9.25
CA TYR B 147 1.42 -23.69 8.14
C TYR B 147 -0.06 -23.82 8.25
N GLU B 148 -0.57 -24.14 9.44
CA GLU B 148 -2.03 -24.30 9.58
C GLU B 148 -2.76 -23.00 9.27
N LEU B 149 -2.24 -21.87 9.74
CA LEU B 149 -2.81 -20.56 9.37
C LEU B 149 -2.71 -20.25 7.88
N ALA B 150 -1.62 -20.66 7.26
CA ALA B 150 -1.44 -20.46 5.82
C ALA B 150 -2.45 -21.24 5.03
N GLU B 151 -2.60 -22.50 5.41
CA GLU B 151 -3.53 -23.38 4.74
C GLU B 151 -4.97 -22.85 4.87
N GLU B 152 -5.34 -22.43 6.06
CA GLU B 152 -6.68 -21.92 6.31
C GLU B 152 -6.91 -20.62 5.52
N CYS B 153 -5.89 -19.75 5.49
CA CYS B 153 -5.99 -18.50 4.71
C CYS B 153 -6.29 -18.78 3.24
N ILE B 154 -5.56 -19.71 2.65
CA ILE B 154 -5.81 -20.12 1.27
C ILE B 154 -7.22 -20.71 1.11
N GLN B 155 -7.62 -21.55 2.06
CA GLN B 155 -8.97 -22.15 2.04
C GLN B 155 -10.08 -21.13 2.05
N ILE B 156 -9.96 -20.12 2.89
CA ILE B 156 -10.98 -19.08 3.00
C ILE B 156 -10.91 -18.12 1.83
N ASN B 157 -9.73 -17.56 1.59
CA ASN B 157 -9.61 -16.44 0.66
C ASN B 157 -9.78 -16.89 -0.79
N TYR B 158 -9.14 -17.99 -1.17
CA TYR B 158 -9.21 -18.48 -2.54
C TYR B 158 -10.27 -19.58 -2.70
N PHE B 159 -10.08 -20.73 -2.06
CA PHE B 159 -11.05 -21.82 -2.28
C PHE B 159 -12.46 -21.48 -1.88
N GLY B 160 -12.61 -20.65 -0.85
CA GLY B 160 -13.93 -20.18 -0.42
C GLY B 160 -14.62 -19.27 -1.42
N THR B 161 -13.84 -18.41 -2.05
CA THR B 161 -14.34 -17.58 -3.13
C THR B 161 -14.74 -18.44 -4.34
N LYS B 162 -13.91 -19.40 -4.70
CA LYS B 162 -14.22 -20.30 -5.80
C LYS B 162 -15.47 -21.15 -5.49
N ARG B 163 -15.53 -21.72 -4.29
CA ARG B 163 -16.66 -22.58 -3.92
C ARG B 163 -17.99 -21.82 -3.95
N THR B 164 -18.01 -20.63 -3.37
CA THR B 164 -19.21 -19.81 -3.32
C THR B 164 -19.63 -19.39 -4.71
N THR B 165 -18.65 -18.97 -5.51
CA THR B 165 -18.93 -18.57 -6.89
C THR B 165 -19.51 -19.75 -7.70
N ASP B 166 -18.88 -20.93 -7.60
CA ASP B 166 -19.38 -22.12 -8.31
C ASP B 166 -20.82 -22.44 -7.94
N ALA B 167 -21.13 -22.35 -6.65
CA ALA B 167 -22.46 -22.69 -6.18
C ALA B 167 -23.53 -21.71 -6.65
N LEU B 168 -23.17 -20.43 -6.72
CA LEU B 168 -24.11 -19.37 -7.09
C LEU B 168 -24.17 -19.04 -8.56
N LEU B 169 -23.21 -19.53 -9.33
CA LEU B 169 -23.16 -19.21 -10.75
C LEU B 169 -24.43 -19.51 -11.53
N PRO B 170 -25.03 -20.70 -11.32
CA PRO B 170 -26.29 -20.96 -12.03
C PRO B 170 -27.38 -19.93 -11.76
N LEU B 171 -27.42 -19.39 -10.54
CA LEU B 171 -28.41 -18.37 -10.18
C LEU B 171 -28.06 -16.99 -10.75
N LEU B 172 -26.77 -16.66 -10.74
CA LEU B 172 -26.29 -15.43 -11.36
C LEU B 172 -26.53 -15.42 -12.87
N GLN B 173 -26.45 -16.60 -13.49
CA GLN B 173 -26.69 -16.71 -14.93
C GLN B 173 -28.14 -16.33 -15.34
N LEU B 174 -29.04 -16.31 -14.35
CA LEU B 174 -30.44 -15.91 -14.56
C LEU B 174 -30.71 -14.42 -14.39
N SER B 175 -29.70 -13.65 -14.01
CA SER B 175 -29.79 -12.20 -13.93
C SER B 175 -29.70 -11.55 -15.30
N ALA B 176 -30.38 -10.43 -15.49
CA ALA B 176 -30.20 -9.58 -16.65
C ALA B 176 -28.86 -8.84 -16.60
N SER B 177 -28.33 -8.63 -15.39
CA SER B 177 -27.08 -7.89 -15.23
C SER B 177 -26.27 -8.48 -14.08
N PRO B 178 -25.67 -9.68 -14.28
CA PRO B 178 -24.96 -10.29 -13.19
C PRO B 178 -23.62 -9.63 -12.89
N ARG B 179 -23.29 -9.58 -11.60
CA ARG B 179 -22.09 -8.90 -11.13
C ARG B 179 -21.43 -9.77 -10.07
N ILE B 180 -20.12 -9.95 -10.20
CA ILE B 180 -19.33 -10.62 -9.17
C ILE B 180 -18.19 -9.65 -8.83
N VAL B 181 -18.01 -9.41 -7.55
CA VAL B 181 -16.91 -8.56 -7.06
C VAL B 181 -16.06 -9.40 -6.12
N ASN B 182 -14.77 -9.58 -6.46
CA ASN B 182 -13.85 -10.33 -5.61
C ASN B 182 -12.97 -9.33 -4.88
N ILE B 183 -13.01 -9.34 -3.56
CA ILE B 183 -12.24 -8.37 -2.78
C ILE B 183 -10.83 -8.91 -2.66
N SER B 184 -9.87 -8.10 -3.09
CA SER B 184 -8.50 -8.50 -3.16
C SER B 184 -7.67 -7.50 -2.37
N SER B 185 -6.43 -7.26 -2.79
CA SER B 185 -5.55 -6.39 -2.05
C SER B 185 -4.52 -5.92 -3.04
N ILE B 186 -3.93 -4.77 -2.78
CA ILE B 186 -2.82 -4.28 -3.60
C ILE B 186 -1.64 -5.29 -3.54
N MET B 187 -1.58 -6.04 -2.44
CA MET B 187 -0.58 -7.11 -2.30
C MET B 187 -0.83 -8.29 -3.27
N GLY B 188 -2.00 -8.32 -3.91
CA GLY B 188 -2.29 -9.21 -5.00
C GLY B 188 -1.67 -8.95 -6.35
N GLN B 189 -0.96 -7.84 -6.51
CA GLN B 189 -0.23 -7.61 -7.74
C GLN B 189 0.90 -8.66 -7.88
N LEU B 190 1.12 -9.13 -9.11
CA LEU B 190 2.08 -10.22 -9.36
C LEU B 190 3.51 -9.96 -8.85
N LYS B 191 3.92 -8.68 -8.85
CA LYS B 191 5.25 -8.29 -8.40
C LYS B 191 5.56 -8.59 -6.92
N ASN B 192 4.55 -8.90 -6.12
CA ASN B 192 4.76 -9.29 -4.73
C ASN B 192 5.21 -10.78 -4.54
N ILE B 193 5.24 -11.54 -5.63
CA ILE B 193 5.75 -12.92 -5.63
C ILE B 193 7.09 -12.98 -6.41
N PRO B 194 8.21 -13.21 -5.71
CA PRO B 194 9.49 -13.26 -6.44
C PRO B 194 9.61 -14.36 -7.49
N SER B 195 9.02 -15.52 -7.24
CA SER B 195 9.16 -16.70 -8.10
C SER B 195 8.81 -16.42 -9.56
N GLU B 196 9.79 -16.55 -10.44
CA GLU B 196 9.56 -16.40 -11.87
C GLU B 196 8.64 -17.51 -12.38
N TRP B 197 8.79 -18.72 -11.82
CA TRP B 197 7.89 -19.82 -12.14
C TRP B 197 6.44 -19.43 -11.83
N ALA B 198 6.20 -18.91 -10.63
CA ALA B 198 4.84 -18.60 -10.21
C ALA B 198 4.26 -17.46 -11.05
N LYS B 199 5.04 -16.41 -11.24
CA LYS B 199 4.59 -15.27 -12.06
C LYS B 199 4.29 -15.67 -13.48
N GLY B 200 5.10 -16.57 -14.03
CA GLY B 200 4.93 -17.07 -15.39
C GLY B 200 3.59 -17.73 -15.61
N ILE B 201 3.14 -18.51 -14.63
CA ILE B 201 1.83 -19.16 -14.71
C ILE B 201 0.73 -18.12 -14.42
N LEU B 202 0.88 -17.40 -13.32
CA LEU B 202 -0.20 -16.51 -12.85
C LEU B 202 -0.43 -15.32 -13.79
N GLY B 203 0.63 -14.85 -14.43
CA GLY B 203 0.57 -13.71 -15.33
C GLY B 203 0.20 -14.00 -16.77
N ASP B 204 0.23 -15.28 -17.17
CA ASP B 204 -0.06 -15.65 -18.56
C ASP B 204 -1.56 -15.81 -18.76
N ALA B 205 -2.24 -14.68 -18.94
CA ALA B 205 -3.70 -14.63 -19.01
C ALA B 205 -4.31 -15.57 -20.03
N SER B 206 -3.69 -15.63 -21.21
CA SER B 206 -4.19 -16.46 -22.30
C SER B 206 -4.24 -17.96 -21.94
N ASN B 207 -3.35 -18.41 -21.05
CA ASN B 207 -3.28 -19.84 -20.67
C ASN B 207 -3.78 -20.12 -19.25
N LEU B 208 -4.41 -19.15 -18.61
CA LEU B 208 -4.88 -19.33 -17.23
C LEU B 208 -6.03 -20.31 -17.16
N THR B 209 -5.90 -21.28 -16.26
CA THR B 209 -6.99 -22.20 -15.95
C THR B 209 -7.05 -22.38 -14.46
N GLU B 210 -8.19 -22.85 -13.98
CA GLU B 210 -8.35 -23.14 -12.55
C GLU B 210 -7.35 -24.22 -12.08
N ASP B 211 -7.11 -25.22 -12.93
CA ASP B 211 -6.13 -26.26 -12.60
C ASP B 211 -4.72 -25.68 -12.41
N ARG B 212 -4.34 -24.71 -13.25
CA ARG B 212 -3.04 -24.04 -13.10
C ARG B 212 -2.90 -23.21 -11.82
N LEU B 213 -4.00 -22.60 -11.39
CA LEU B 213 -4.00 -21.91 -10.09
C LEU B 213 -3.81 -22.90 -8.93
N ASP B 214 -4.47 -24.06 -9.02
CA ASP B 214 -4.27 -25.13 -8.02
C ASP B 214 -2.81 -25.58 -7.92
N GLU B 215 -2.13 -25.65 -9.05
CA GLU B 215 -0.74 -26.10 -9.08
C GLU B 215 0.15 -25.07 -8.36
N VAL B 216 -0.12 -23.79 -8.57
CA VAL B 216 0.63 -22.75 -7.88
C VAL B 216 0.41 -22.83 -6.37
N ILE B 217 -0.85 -22.92 -5.98
CA ILE B 217 -1.19 -23.04 -4.57
C ILE B 217 -0.58 -24.27 -3.91
N ASN B 218 -0.66 -25.41 -4.59
CA ASN B 218 -0.12 -26.66 -4.05
C ASN B 218 1.37 -26.57 -3.79
N ASN B 219 2.09 -26.02 -4.76
CA ASN B 219 3.52 -25.80 -4.63
C ASN B 219 3.85 -24.83 -3.49
N PHE B 220 3.13 -23.72 -3.41
CA PHE B 220 3.30 -22.77 -2.30
C PHE B 220 3.14 -23.46 -0.92
N LEU B 221 2.06 -24.21 -0.76
CA LEU B 221 1.78 -24.85 0.53
C LEU B 221 2.81 -25.94 0.84
N LYS B 222 3.20 -26.74 -0.16
CA LYS B 222 4.27 -27.72 0.00
C LYS B 222 5.55 -27.04 0.45
N ASP B 223 5.92 -25.96 -0.24
CA ASP B 223 7.12 -25.20 0.11
C ASP B 223 7.02 -24.57 1.50
N PHE B 224 5.84 -24.10 1.88
CA PHE B 224 5.60 -23.55 3.23
C PHE B 224 5.89 -24.60 4.30
N LYS B 225 5.26 -25.76 4.14
CA LYS B 225 5.40 -26.88 5.05
C LYS B 225 6.83 -27.39 5.14
N GLU B 226 7.54 -27.43 4.02
CA GLU B 226 8.97 -27.84 3.99
C GLU B 226 9.91 -26.80 4.60
N GLY B 227 9.46 -25.56 4.72
CA GLY B 227 10.26 -24.47 5.25
C GLY B 227 11.20 -23.91 4.21
N SER B 228 10.77 -23.87 2.96
CA SER B 228 11.59 -23.40 1.83
C SER B 228 11.03 -22.16 1.11
N LEU B 229 10.31 -21.30 1.83
CA LEU B 229 9.69 -20.13 1.20
C LEU B 229 10.67 -19.22 0.49
N ALA B 230 11.76 -18.88 1.18
CA ALA B 230 12.76 -17.97 0.63
C ALA B 230 13.44 -18.58 -0.59
N ALA B 231 13.88 -19.84 -0.47
CA ALA B 231 14.58 -20.55 -1.55
C ALA B 231 13.75 -20.74 -2.81
N LYS B 232 12.42 -20.86 -2.66
CA LYS B 232 11.53 -21.13 -3.77
C LYS B 232 10.80 -19.85 -4.27
N GLY B 233 11.20 -18.69 -3.74
CA GLY B 233 10.73 -17.40 -4.27
C GLY B 233 9.32 -17.04 -3.86
N TRP B 234 8.92 -17.46 -2.66
CA TRP B 234 7.64 -17.02 -2.12
C TRP B 234 7.88 -15.83 -1.19
N PRO B 235 6.86 -14.99 -1.00
CA PRO B 235 7.02 -13.85 -0.11
C PRO B 235 7.37 -14.31 1.31
N PRO B 236 8.35 -13.64 1.96
CA PRO B 236 8.79 -14.13 3.26
C PRO B 236 7.89 -13.77 4.43
N SER B 237 7.01 -12.78 4.25
CA SER B 237 6.09 -12.35 5.28
C SER B 237 4.72 -12.18 4.62
N PHE B 238 3.65 -12.33 5.41
CA PHE B 238 2.26 -12.36 4.89
C PHE B 238 2.12 -13.25 3.66
N SER B 239 2.79 -14.40 3.72
CA SER B 239 3.06 -15.24 2.55
C SER B 239 1.76 -15.80 1.97
N ALA B 240 0.95 -16.38 2.84
CA ALA B 240 -0.33 -16.94 2.42
C ALA B 240 -1.32 -15.89 1.96
N TYR B 241 -1.35 -14.76 2.66
CA TYR B 241 -2.24 -13.69 2.26
C TYR B 241 -1.92 -13.19 0.86
N ILE B 242 -0.66 -12.89 0.62
CA ILE B 242 -0.22 -12.43 -0.71
C ILE B 242 -0.56 -13.43 -1.82
N VAL B 243 -0.19 -14.69 -1.60
CA VAL B 243 -0.43 -15.71 -2.61
C VAL B 243 -1.93 -15.84 -2.85
N SER B 244 -2.72 -15.86 -1.78
CA SER B 244 -4.18 -15.97 -1.90
C SER B 244 -4.76 -14.87 -2.78
N LYS B 245 -4.28 -13.65 -2.60
CA LYS B 245 -4.86 -12.50 -3.32
C LYS B 245 -4.37 -12.44 -4.76
N VAL B 246 -3.11 -12.82 -5.02
CA VAL B 246 -2.62 -12.92 -6.40
C VAL B 246 -3.49 -13.93 -7.17
N VAL B 247 -3.77 -15.05 -6.51
CA VAL B 247 -4.57 -16.10 -7.11
C VAL B 247 -6.02 -15.68 -7.31
N VAL B 248 -6.57 -14.97 -6.33
CA VAL B 248 -7.93 -14.42 -6.50
C VAL B 248 -7.98 -13.51 -7.71
N ASN B 249 -6.97 -12.67 -7.88
CA ASN B 249 -6.96 -11.78 -9.06
C ASN B 249 -6.93 -12.59 -10.36
N ALA B 250 -6.10 -13.64 -10.40
CA ALA B 250 -6.00 -14.48 -11.60
C ALA B 250 -7.34 -15.21 -11.87
N TYR B 251 -7.96 -15.71 -10.81
CA TYR B 251 -9.27 -16.35 -10.87
C TYR B 251 -10.31 -15.41 -11.44
N THR B 252 -10.26 -14.16 -11.03
CA THR B 252 -11.16 -13.12 -11.57
C THR B 252 -11.04 -13.00 -13.08
N ARG B 253 -9.82 -13.05 -13.59
CA ARG B 253 -9.56 -12.99 -15.03
C ARG B 253 -10.15 -14.19 -15.76
N ILE B 254 -9.98 -15.38 -15.18
CA ILE B 254 -10.53 -16.62 -15.75
C ILE B 254 -12.06 -16.51 -15.88
N LEU B 255 -12.69 -16.10 -14.80
CA LEU B 255 -14.15 -15.94 -14.78
C LEU B 255 -14.65 -14.95 -15.80
N ALA B 256 -13.97 -13.82 -15.92
CA ALA B 256 -14.42 -12.77 -16.83
C ALA B 256 -14.40 -13.25 -18.28
N LYS B 257 -13.43 -14.10 -18.63
CA LYS B 257 -13.36 -14.64 -19.96
C LYS B 257 -14.47 -15.68 -20.21
N LYS B 258 -14.82 -16.45 -19.18
CA LYS B 258 -15.83 -17.50 -19.32
C LYS B 258 -17.24 -16.97 -19.38
N TYR B 259 -17.51 -15.80 -18.77
CA TYR B 259 -18.85 -15.28 -18.57
C TYR B 259 -18.90 -13.81 -19.04
N PRO B 260 -18.89 -13.61 -20.37
CA PRO B 260 -18.79 -12.26 -20.92
C PRO B 260 -19.98 -11.33 -20.64
N ASN B 261 -21.13 -11.91 -20.29
CA ASN B 261 -22.31 -11.13 -19.90
C ASN B 261 -22.28 -10.62 -18.48
N PHE B 262 -21.32 -11.07 -17.68
CA PHE B 262 -21.15 -10.64 -16.30
C PHE B 262 -20.14 -9.48 -16.26
N LYS B 263 -20.21 -8.64 -15.22
CA LYS B 263 -19.09 -7.79 -14.78
C LYS B 263 -18.43 -8.49 -13.61
N ILE B 264 -17.21 -8.96 -13.83
CA ILE B 264 -16.48 -9.73 -12.82
C ILE B 264 -15.17 -9.02 -12.63
N ASN B 265 -15.03 -8.36 -11.49
CA ASN B 265 -13.85 -7.53 -11.22
C ASN B 265 -13.27 -7.81 -9.84
N CYS B 266 -12.00 -7.49 -9.66
CA CYS B 266 -11.37 -7.61 -8.33
C CYS B 266 -10.91 -6.24 -7.88
N VAL B 267 -10.81 -6.07 -6.58
CA VAL B 267 -10.62 -4.71 -6.04
C VAL B 267 -9.88 -4.70 -4.71
N CYS B 268 -8.89 -3.82 -4.62
CA CYS B 268 -8.29 -3.44 -3.32
C CYS B 268 -9.15 -2.35 -2.71
N PRO B 269 -9.82 -2.62 -1.58
CA PRO B 269 -10.74 -1.63 -1.01
C PRO B 269 -10.04 -0.50 -0.27
N GLY B 270 -8.73 -0.68 -0.01
CA GLY B 270 -7.93 0.28 0.72
C GLY B 270 -7.62 -0.22 2.11
N PHE B 271 -6.66 0.44 2.75
CA PHE B 271 -6.21 0.06 4.10
C PHE B 271 -7.23 0.62 5.11
N ALA B 272 -8.10 -0.27 5.58
CA ALA B 272 -9.32 0.09 6.30
C ALA B 272 -9.23 -0.35 7.77
N LYS B 273 -9.79 0.49 8.65
CA LYS B 273 -9.79 0.27 10.09
C LYS B 273 -10.79 -0.84 10.44
N THR B 274 -10.33 -2.08 10.39
CA THR B 274 -11.16 -3.23 10.70
C THR B 274 -10.38 -4.18 11.58
N ASP B 275 -11.06 -5.23 12.07
CA ASP B 275 -10.40 -6.23 12.89
C ASP B 275 -9.30 -6.99 12.14
N LEU B 276 -9.33 -7.01 10.82
CA LEU B 276 -8.25 -7.63 10.04
C LEU B 276 -6.88 -7.06 10.46
N ASN B 277 -6.84 -5.75 10.70
CA ASN B 277 -5.63 -5.02 11.08
C ASN B 277 -5.59 -4.64 12.57
N HIS B 278 -6.39 -5.33 13.40
CA HIS B 278 -6.56 -4.96 14.80
C HIS B 278 -6.90 -3.46 15.03
N GLY B 279 -7.71 -2.91 14.13
CA GLY B 279 -8.21 -1.56 14.22
C GLY B 279 -7.38 -0.51 13.51
N LEU B 280 -6.20 -0.89 13.00
CA LEU B 280 -5.32 0.05 12.28
C LEU B 280 -5.81 0.22 10.84
N GLY B 281 -5.53 1.39 10.28
CA GLY B 281 -5.92 1.70 8.91
C GLY B 281 -6.01 3.19 8.65
N LEU B 282 -6.19 3.53 7.39
CA LEU B 282 -6.34 4.91 6.96
C LEU B 282 -7.80 5.28 6.68
N LEU B 283 -8.54 4.35 6.11
CA LEU B 283 -9.95 4.54 5.74
C LEU B 283 -10.82 3.91 6.80
N THR B 284 -12.05 4.43 6.93
CA THR B 284 -13.08 3.69 7.67
C THR B 284 -13.54 2.52 6.80
N ALA B 285 -14.12 1.52 7.46
CA ALA B 285 -14.74 0.42 6.74
C ALA B 285 -15.83 0.94 5.76
N GLU B 286 -16.56 1.98 6.18
CA GLU B 286 -17.59 2.55 5.29
C GLU B 286 -16.98 3.15 4.02
N GLU B 287 -15.92 3.93 4.20
CA GLU B 287 -15.18 4.47 3.05
C GLU B 287 -14.62 3.39 2.14
N ALA B 288 -14.04 2.34 2.72
CA ALA B 288 -13.48 1.26 1.93
C ALA B 288 -14.53 0.50 1.13
N ALA B 289 -15.72 0.39 1.71
CA ALA B 289 -16.83 -0.33 1.04
C ALA B 289 -17.31 0.38 -0.25
N GLU B 290 -17.05 1.67 -0.38
CA GLU B 290 -17.45 2.39 -1.60
C GLU B 290 -16.97 1.72 -2.87
N ASN B 291 -15.75 1.20 -2.77
N ASN B 291 -15.74 1.22 -2.94
CA ASN B 291 -15.06 0.64 -3.90
CA ASN B 291 -15.29 0.71 -4.23
C ASN B 291 -15.71 -0.64 -4.44
C ASN B 291 -15.81 -0.71 -4.58
N PRO B 292 -15.90 -1.66 -3.61
CA PRO B 292 -16.63 -2.87 -4.06
C PRO B 292 -18.08 -2.57 -4.41
N VAL B 293 -18.70 -1.62 -3.71
CA VAL B 293 -20.10 -1.27 -4.03
C VAL B 293 -20.23 -0.75 -5.45
N LYS B 294 -19.30 0.13 -5.85
CA LYS B 294 -19.33 0.61 -7.23
C LYS B 294 -19.21 -0.53 -8.24
N LEU B 295 -18.36 -1.52 -7.96
CA LEU B 295 -18.18 -2.63 -8.87
C LEU B 295 -19.43 -3.55 -8.90
N ALA B 296 -20.15 -3.61 -7.80
CA ALA B 296 -21.42 -4.36 -7.74
C ALA B 296 -22.53 -3.68 -8.53
N LEU B 297 -22.47 -2.36 -8.65
CA LEU B 297 -23.52 -1.56 -9.30
C LEU B 297 -23.19 -1.06 -10.70
N LEU B 298 -22.15 -1.58 -11.31
CA LEU B 298 -21.71 -1.07 -12.61
C LEU B 298 -22.81 -1.12 -13.64
N PRO B 299 -22.81 -0.15 -14.56
CA PRO B 299 -23.74 -0.24 -15.69
C PRO B 299 -23.39 -1.41 -16.63
N ASP B 300 -24.32 -1.73 -17.53
CA ASP B 300 -24.09 -2.82 -18.48
C ASP B 300 -22.96 -2.60 -19.43
N ASP B 301 -22.57 -1.36 -19.66
CA ASP B 301 -21.38 -1.06 -20.47
C ASP B 301 -20.10 -0.91 -19.67
N GLY B 302 -20.15 -1.25 -18.39
CA GLY B 302 -18.98 -1.18 -17.51
C GLY B 302 -17.90 -2.21 -17.79
N PRO B 303 -16.76 -2.09 -17.09
CA PRO B 303 -15.65 -3.01 -17.35
C PRO B 303 -15.85 -4.39 -16.71
N SER B 304 -15.11 -5.39 -17.22
CA SER B 304 -15.06 -6.71 -16.63
C SER B 304 -13.65 -7.24 -16.78
N GLY B 305 -13.25 -8.10 -15.85
CA GLY B 305 -11.95 -8.76 -15.88
C GLY B 305 -10.79 -7.87 -15.47
N LEU B 306 -11.08 -6.79 -14.73
CA LEU B 306 -10.06 -5.82 -14.34
C LEU B 306 -9.80 -5.83 -12.84
N PHE B 307 -8.63 -5.28 -12.49
CA PHE B 307 -8.25 -5.04 -11.11
C PHE B 307 -8.35 -3.54 -10.83
N PHE B 308 -8.96 -3.20 -9.69
CA PHE B 308 -9.08 -1.81 -9.27
C PHE B 308 -8.36 -1.59 -7.96
N ASP B 309 -7.54 -0.55 -7.92
CA ASP B 309 -6.97 -0.08 -6.66
C ASP B 309 -7.90 1.02 -6.18
N ARG B 310 -8.75 0.67 -5.20
N ARG B 310 -8.76 0.68 -5.21
CA ARG B 310 -9.82 1.56 -4.72
CA ARG B 310 -9.82 1.56 -4.75
C ARG B 310 -10.73 1.95 -5.91
C ARG B 310 -10.71 1.95 -5.96
N SER B 311 -10.74 3.23 -6.32
CA SER B 311 -11.57 3.71 -7.44
C SER B 311 -10.88 3.68 -8.80
N GLU B 312 -9.60 3.33 -8.85
CA GLU B 312 -8.80 3.48 -10.08
C GLU B 312 -8.43 2.13 -10.68
N GLU B 313 -8.65 1.97 -11.99
CA GLU B 313 -8.15 0.78 -12.66
C GLU B 313 -6.63 0.69 -12.48
N SER B 314 -6.15 -0.52 -12.21
CA SER B 314 -4.75 -0.77 -11.90
C SER B 314 -4.25 -2.05 -12.59
N SER B 315 -2.93 -2.23 -12.67
CA SER B 315 -2.38 -3.39 -13.38
C SER B 315 -2.47 -4.63 -12.51
N PHE B 316 -2.62 -5.78 -13.17
CA PHE B 316 -2.43 -7.08 -12.50
C PHE B 316 -0.99 -7.33 -12.14
N GLU B 317 -0.06 -6.73 -12.90
CA GLU B 317 1.39 -6.89 -12.68
C GLU B 317 1.86 -6.14 -11.42
#